data_4NG0
#
_entry.id   4NG0
#
_cell.length_a   52.790
_cell.length_b   36.990
_cell.length_c   75.550
_cell.angle_alpha   90.000
_cell.angle_beta   100.640
_cell.angle_gamma   90.000
#
_symmetry.space_group_name_H-M   'P 1 21 1'
#
loop_
_entity.id
_entity.type
_entity.pdbx_description
1 polymer 'LAR_0958 cell surface adhesin'
2 water water
#
_entity_poly.entity_id   1
_entity_poly.type   'polypeptide(L)'
_entity_poly.pdbx_seq_one_letter_code
;MKVTYSGSDSKTYDGNPANFEPTTVQWSGLKGLNTSTLTSADFTWNTADKKAPTDAGKYTLSLNTTGEAALRKANPNYDL
KTISGSYTYTINPLGID
;
_entity_poly.pdbx_strand_id   A,B,C
#
# COMPACT_ATOMS: atom_id res chain seq x y z
N MET A 1 -14.72 -19.85 -6.64
CA MET A 1 -14.42 -20.55 -7.89
C MET A 1 -14.41 -19.59 -9.07
N LYS A 2 -14.24 -18.30 -8.79
CA LYS A 2 -14.19 -17.27 -9.83
C LYS A 2 -13.17 -16.18 -9.50
N VAL A 3 -12.19 -16.02 -10.38
CA VAL A 3 -11.09 -15.08 -10.16
C VAL A 3 -11.54 -13.67 -10.48
N THR A 4 -11.43 -12.80 -9.48
CA THR A 4 -11.82 -11.41 -9.66
C THR A 4 -10.77 -10.47 -9.09
N TYR A 5 -10.74 -9.26 -9.62
CA TYR A 5 -9.87 -8.21 -9.08
C TYR A 5 -10.68 -6.95 -8.77
N SER A 6 -10.20 -6.20 -7.79
CA SER A 6 -10.81 -4.95 -7.40
C SER A 6 -9.70 -4.03 -6.91
N GLY A 7 -10.07 -2.83 -6.50
CA GLY A 7 -9.11 -1.93 -5.90
C GLY A 7 -9.27 -0.50 -6.36
N SER A 8 -8.52 0.39 -5.71
CA SER A 8 -8.61 1.81 -6.00
C SER A 8 -7.40 2.53 -5.48
N ASP A 9 -7.17 3.73 -6.00
CA ASP A 9 -6.04 4.57 -5.63
C ASP A 9 -6.38 5.97 -6.09
N SER A 10 -5.58 6.93 -5.63
CA SER A 10 -5.78 8.31 -6.02
C SER A 10 -4.52 9.13 -5.80
N LYS A 11 -4.51 10.29 -6.45
CA LYS A 11 -3.50 11.32 -6.20
C LYS A 11 -4.17 12.68 -6.29
N THR A 12 -3.48 13.69 -5.78
CA THR A 12 -3.85 15.07 -6.03
C THR A 12 -3.19 15.54 -7.34
N TYR A 13 -3.97 16.23 -8.16
CA TYR A 13 -3.45 16.83 -9.40
C TYR A 13 -2.13 17.55 -9.16
N ASP A 14 -1.15 17.28 -10.01
CA ASP A 14 0.14 17.99 -9.96
C ASP A 14 0.69 18.25 -11.36
N GLY A 15 -0.15 18.10 -12.38
CA GLY A 15 0.30 18.31 -13.76
C GLY A 15 1.12 17.19 -14.33
N ASN A 16 1.24 16.08 -13.59
CA ASN A 16 2.02 14.93 -14.02
C ASN A 16 1.10 13.73 -14.19
N PRO A 17 1.43 12.82 -15.11
CA PRO A 17 0.53 11.66 -15.32
CA PRO A 17 0.54 11.67 -15.32
C PRO A 17 0.47 10.78 -14.08
N ALA A 18 -0.68 10.15 -13.87
CA ALA A 18 -0.84 9.23 -12.75
C ALA A 18 0.03 7.99 -12.90
N ASN A 19 0.53 7.49 -11.78
CA ASN A 19 1.31 6.27 -11.75
C ASN A 19 0.49 5.14 -11.13
N PHE A 20 -0.06 4.28 -11.99
CA PHE A 20 -0.80 3.12 -11.53
C PHE A 20 0.13 2.14 -10.85
N GLU A 21 -0.28 1.65 -9.68
CA GLU A 21 0.51 0.70 -8.91
C GLU A 21 -0.20 -0.66 -8.84
N PRO A 22 0.32 -1.68 -9.53
CA PRO A 22 -0.32 -2.99 -9.59
CA PRO A 22 -0.38 -2.96 -9.59
C PRO A 22 -0.50 -3.65 -8.23
N THR A 23 0.34 -3.31 -7.27
CA THR A 23 0.21 -3.92 -5.94
C THR A 23 -1.00 -3.43 -5.15
N THR A 24 -1.68 -2.39 -5.63
CA THR A 24 -2.91 -1.94 -5.00
C THR A 24 -4.13 -2.72 -5.51
N VAL A 25 -3.94 -3.52 -6.55
CA VAL A 25 -5.03 -4.36 -7.07
C VAL A 25 -5.21 -5.55 -6.13
N GLN A 26 -6.45 -5.79 -5.73
CA GLN A 26 -6.76 -6.84 -4.78
C GLN A 26 -7.43 -7.99 -5.50
N TRP A 27 -6.92 -9.18 -5.27
CA TRP A 27 -7.36 -10.36 -5.99
C TRP A 27 -8.10 -11.31 -5.08
N SER A 28 -9.10 -12.00 -5.62
CA SER A 28 -9.84 -12.95 -4.83
CA SER A 28 -9.92 -12.90 -4.83
C SER A 28 -10.45 -14.04 -5.69
N GLY A 29 -10.92 -15.11 -5.05
CA GLY A 29 -11.65 -16.14 -5.75
C GLY A 29 -10.95 -17.48 -5.87
N LEU A 30 -9.63 -17.48 -5.76
CA LEU A 30 -8.86 -18.72 -5.86
C LEU A 30 -7.71 -18.69 -4.86
N LYS A 31 -7.80 -19.53 -3.84
CA LYS A 31 -6.72 -19.64 -2.86
C LYS A 31 -5.44 -20.11 -3.57
N GLY A 32 -4.37 -19.35 -3.40
CA GLY A 32 -3.08 -19.69 -3.99
C GLY A 32 -2.82 -19.09 -5.35
N LEU A 33 -3.76 -18.31 -5.88
CA LEU A 33 -3.53 -17.60 -7.13
C LEU A 33 -2.24 -16.78 -7.03
N ASN A 34 -1.38 -16.94 -8.01
CA ASN A 34 -0.11 -16.23 -8.06
C ASN A 34 -0.23 -14.95 -8.90
N THR A 35 -0.19 -13.81 -8.23
CA THR A 35 -0.30 -12.51 -8.91
C THR A 35 0.99 -11.71 -8.83
N SER A 36 2.05 -12.35 -8.37
CA SER A 36 3.32 -11.68 -8.09
C SER A 36 4.07 -11.20 -9.33
N THR A 37 3.68 -11.67 -10.51
CA THR A 37 4.41 -11.33 -11.72
C THR A 37 3.79 -10.18 -12.51
N LEU A 38 2.60 -9.74 -12.11
CA LEU A 38 1.92 -8.66 -12.82
C LEU A 38 2.62 -7.31 -12.67
N THR A 39 2.59 -6.54 -13.74
CA THR A 39 3.21 -5.21 -13.77
C THR A 39 2.21 -4.18 -14.27
N SER A 40 2.62 -2.91 -14.30
CA SER A 40 1.74 -1.87 -14.80
CA SER A 40 1.75 -1.87 -14.80
C SER A 40 1.35 -2.10 -16.26
N ALA A 41 2.24 -2.74 -17.03
CA ALA A 41 1.98 -3.02 -18.43
C ALA A 41 0.81 -3.99 -18.63
N ASP A 42 0.39 -4.64 -17.56
CA ASP A 42 -0.64 -5.66 -17.65
C ASP A 42 -2.05 -5.10 -17.52
N PHE A 43 -2.13 -3.78 -17.30
CA PHE A 43 -3.41 -3.10 -17.16
C PHE A 43 -3.43 -1.92 -18.12
N THR A 44 -4.60 -1.64 -18.66
CA THR A 44 -4.76 -0.51 -19.58
C THR A 44 -5.70 0.54 -18.99
N TRP A 45 -5.27 1.80 -19.05
CA TRP A 45 -6.13 2.90 -18.69
C TRP A 45 -7.29 3.04 -19.67
N ASN A 46 -8.50 3.17 -19.15
CA ASN A 46 -9.69 3.32 -19.98
C ASN A 46 -9.93 4.79 -20.29
N THR A 47 -8.94 5.39 -20.92
CA THR A 47 -8.95 6.79 -21.29
C THR A 47 -9.02 6.91 -22.82
N ALA A 48 -9.22 8.13 -23.32
CA ALA A 48 -9.42 8.32 -24.75
C ALA A 48 -8.25 7.82 -25.58
N ASP A 49 -7.04 7.98 -25.05
CA ASP A 49 -5.85 7.55 -25.77
C ASP A 49 -5.21 6.31 -25.16
N LYS A 50 -5.89 5.72 -24.18
CA LYS A 50 -5.38 4.54 -23.47
C LYS A 50 -4.02 4.79 -22.81
N LYS A 51 -3.79 6.03 -22.41
CA LYS A 51 -2.58 6.44 -21.69
C LYS A 51 -2.95 6.99 -20.32
N ALA A 52 -1.98 7.04 -19.42
CA ALA A 52 -2.20 7.56 -18.08
C ALA A 52 -2.62 9.01 -18.16
N PRO A 53 -3.69 9.39 -17.45
CA PRO A 53 -4.20 10.75 -17.46
C PRO A 53 -3.46 11.67 -16.49
N THR A 54 -3.63 12.97 -16.71
CA THR A 54 -3.09 14.02 -15.88
C THR A 54 -4.18 14.85 -15.20
N ASP A 55 -5.23 15.16 -15.95
CA ASP A 55 -6.32 16.02 -15.44
C ASP A 55 -7.10 15.37 -14.31
N ALA A 56 -7.61 16.22 -13.41
CA ALA A 56 -8.52 15.75 -12.37
C ALA A 56 -9.69 15.05 -13.00
N GLY A 57 -10.09 13.95 -12.37
CA GLY A 57 -11.16 13.14 -12.92
C GLY A 57 -11.18 11.77 -12.26
N LYS A 58 -12.22 11.00 -12.60
CA LYS A 58 -12.37 9.64 -12.12
C LYS A 58 -12.16 8.70 -13.30
N TYR A 59 -11.22 7.77 -13.15
CA TYR A 59 -10.81 6.89 -14.24
C TYR A 59 -10.86 5.44 -13.82
N THR A 60 -10.84 4.53 -14.80
CA THR A 60 -10.68 3.12 -14.49
C THR A 60 -9.55 2.49 -15.29
N LEU A 61 -9.06 1.35 -14.82
CA LEU A 61 -8.14 0.52 -15.56
C LEU A 61 -8.69 -0.89 -15.62
N SER A 62 -8.30 -1.63 -16.64
CA SER A 62 -8.72 -3.02 -16.80
C SER A 62 -7.51 -3.89 -17.10
N LEU A 63 -7.54 -5.12 -16.61
CA LEU A 63 -6.54 -6.10 -16.99
C LEU A 63 -6.66 -6.30 -18.51
N ASN A 64 -5.52 -6.23 -19.21
CA ASN A 64 -5.53 -6.35 -20.67
C ASN A 64 -5.13 -7.76 -21.10
N THR A 65 -5.07 -8.02 -22.40
CA THR A 65 -4.78 -9.38 -22.85
C THR A 65 -3.35 -9.82 -22.50
N THR A 66 -2.43 -8.88 -22.47
CA THR A 66 -1.07 -9.14 -21.99
C THR A 66 -1.13 -9.61 -20.54
N GLY A 67 -1.95 -8.94 -19.74
CA GLY A 67 -2.11 -9.27 -18.33
C GLY A 67 -2.77 -10.61 -18.11
N GLU A 68 -3.77 -10.93 -18.91
CA GLU A 68 -4.40 -12.24 -18.84
C GLU A 68 -3.37 -13.33 -19.10
N ALA A 69 -2.53 -13.13 -20.11
CA ALA A 69 -1.52 -14.12 -20.46
C ALA A 69 -0.49 -14.26 -19.33
N ALA A 70 -0.12 -13.15 -18.72
CA ALA A 70 0.85 -13.17 -17.64
C ALA A 70 0.31 -13.92 -16.43
N LEU A 71 -0.95 -13.68 -16.10
CA LEU A 71 -1.57 -14.36 -14.96
C LEU A 71 -1.67 -15.84 -15.25
N ARG A 72 -2.05 -16.19 -16.47
CA ARG A 72 -2.16 -17.61 -16.80
C ARG A 72 -0.80 -18.31 -16.71
N LYS A 73 0.24 -17.65 -17.21
CA LYS A 73 1.60 -18.20 -17.17
C LYS A 73 2.09 -18.43 -15.73
N ALA A 74 1.66 -17.56 -14.82
CA ALA A 74 2.09 -17.64 -13.43
C ALA A 74 1.33 -18.71 -12.65
N ASN A 75 0.31 -19.29 -13.29
CA ASN A 75 -0.54 -20.27 -12.62
C ASN A 75 -0.74 -21.55 -13.42
N PRO A 76 0.36 -22.29 -13.68
CA PRO A 76 0.33 -23.44 -14.59
C PRO A 76 -0.53 -24.60 -14.13
N ASN A 77 -0.88 -24.66 -12.85
CA ASN A 77 -1.73 -25.75 -12.38
C ASN A 77 -3.19 -25.54 -12.72
N TYR A 78 -3.50 -24.36 -13.26
CA TYR A 78 -4.87 -23.96 -13.52
C TYR A 78 -5.12 -23.57 -14.95
N ASP A 79 -6.36 -23.75 -15.36
CA ASP A 79 -6.88 -23.16 -16.59
C ASP A 79 -7.85 -22.08 -16.16
N LEU A 80 -7.36 -20.84 -16.15
CA LEU A 80 -8.16 -19.70 -15.70
C LEU A 80 -9.07 -19.25 -16.83
N LYS A 81 -10.33 -19.67 -16.78
CA LYS A 81 -11.25 -19.47 -17.91
C LYS A 81 -11.98 -18.12 -17.90
N THR A 82 -12.17 -17.53 -16.72
CA THR A 82 -12.66 -16.16 -16.65
C THR A 82 -11.79 -15.35 -15.70
N ILE A 83 -11.62 -14.08 -16.03
CA ILE A 83 -11.00 -13.12 -15.11
C ILE A 83 -11.83 -11.85 -15.21
N SER A 84 -12.43 -11.44 -14.10
CA SER A 84 -13.37 -10.32 -14.11
C SER A 84 -12.93 -9.31 -13.07
N GLY A 85 -13.11 -8.02 -13.32
CA GLY A 85 -12.75 -7.07 -12.29
C GLY A 85 -13.11 -5.64 -12.60
N SER A 86 -12.78 -4.78 -11.64
CA SER A 86 -13.01 -3.35 -11.73
C SER A 86 -11.93 -2.65 -10.92
N TYR A 87 -11.42 -1.53 -11.40
CA TYR A 87 -10.40 -0.79 -10.67
C TYR A 87 -10.57 0.68 -10.94
N THR A 88 -10.63 1.49 -9.87
CA THR A 88 -10.88 2.92 -10.03
C THR A 88 -9.73 3.79 -9.51
N TYR A 89 -9.27 4.70 -10.36
CA TYR A 89 -8.19 5.62 -10.00
C TYR A 89 -8.72 7.05 -10.13
N THR A 90 -8.63 7.81 -9.05
CA THR A 90 -9.10 9.20 -9.06
C THR A 90 -7.96 10.20 -8.96
N ILE A 91 -7.98 11.21 -9.83
CA ILE A 91 -7.09 12.35 -9.65
C ILE A 91 -7.96 13.47 -9.08
N ASN A 92 -7.66 13.89 -7.86
CA ASN A 92 -8.43 14.94 -7.21
C ASN A 92 -7.88 16.31 -7.58
N PRO A 93 -8.76 17.33 -7.67
CA PRO A 93 -8.26 18.68 -7.97
CA PRO A 93 -8.26 18.68 -7.97
C PRO A 93 -7.32 19.17 -6.87
N LEU A 94 -6.40 20.05 -7.23
CA LEU A 94 -5.45 20.63 -6.29
C LEU A 94 -6.06 21.84 -5.62
N GLY A 95 -6.10 21.81 -4.29
CA GLY A 95 -6.60 22.94 -3.52
C GLY A 95 -5.68 24.14 -3.60
N ILE A 96 -6.26 25.28 -3.95
CA ILE A 96 -5.55 26.55 -4.02
C ILE A 96 -6.20 27.47 -3.01
N ASP A 97 -5.46 27.80 -1.94
CA ASP A 97 -6.03 28.59 -0.84
C ASP A 97 -6.34 30.02 -1.26
N LYS B 2 -22.34 12.86 -0.89
CA LYS B 2 -22.32 12.06 0.35
C LYS B 2 -20.90 11.62 0.73
N VAL B 3 -20.37 12.22 1.79
CA VAL B 3 -18.97 11.99 2.17
C VAL B 3 -18.77 10.53 2.53
N THR B 4 -17.90 9.87 1.77
CA THR B 4 -17.75 8.43 1.85
C THR B 4 -16.28 8.04 1.79
N TYR B 5 -15.86 7.17 2.70
CA TYR B 5 -14.54 6.57 2.62
C TYR B 5 -14.62 5.12 2.14
N SER B 6 -13.55 4.67 1.50
CA SER B 6 -13.48 3.32 0.95
C SER B 6 -12.02 2.94 0.87
N GLY B 7 -11.74 1.77 0.32
CA GLY B 7 -10.37 1.37 0.15
C GLY B 7 -10.14 -0.08 0.52
N SER B 8 -8.99 -0.60 0.12
CA SER B 8 -8.66 -1.98 0.38
C SER B 8 -7.17 -2.22 0.30
N ASP B 9 -6.72 -3.19 1.08
CA ASP B 9 -5.30 -3.56 1.13
C ASP B 9 -5.23 -5.02 1.58
N SER B 10 -4.03 -5.59 1.50
CA SER B 10 -3.83 -6.97 1.91
C SER B 10 -2.37 -7.23 2.23
N LYS B 11 -2.12 -8.32 2.95
CA LYS B 11 -0.79 -8.86 3.13
C LYS B 11 -0.89 -10.37 3.12
N THR B 12 0.25 -11.04 2.98
CA THR B 12 0.34 -12.47 3.17
C THR B 12 0.64 -12.74 4.64
N TYR B 13 -0.04 -13.74 5.20
CA TYR B 13 0.16 -14.17 6.57
C TYR B 13 1.64 -14.30 6.92
N ASP B 14 2.02 -13.72 8.06
CA ASP B 14 3.41 -13.76 8.50
C ASP B 14 3.54 -13.95 10.02
N GLY B 15 2.42 -14.20 10.68
CA GLY B 15 2.42 -14.41 12.11
C GLY B 15 2.44 -13.13 12.92
N ASN B 16 2.42 -11.99 12.22
CA ASN B 16 2.38 -10.68 12.86
C ASN B 16 1.10 -9.93 12.47
N PRO B 17 0.69 -8.93 13.27
CA PRO B 17 -0.55 -8.23 12.96
C PRO B 17 -0.49 -7.44 11.66
N ALA B 18 -1.65 -7.21 11.06
CA ALA B 18 -1.73 -6.38 9.86
C ALA B 18 -1.34 -4.93 10.14
N ASN B 19 -0.62 -4.32 9.20
CA ASN B 19 -0.32 -2.88 9.30
C ASN B 19 -1.22 -2.05 8.39
N PHE B 20 -2.27 -1.51 8.99
CA PHE B 20 -3.17 -0.62 8.27
C PHE B 20 -2.44 0.66 7.85
N GLU B 21 -2.61 1.03 6.59
CA GLU B 21 -2.02 2.26 6.03
C GLU B 21 -3.11 3.29 5.71
N PRO B 22 -3.27 4.31 6.57
CA PRO B 22 -4.30 5.34 6.41
CA PRO B 22 -4.35 5.28 6.37
C PRO B 22 -4.26 6.05 5.05
N THR B 23 -3.09 6.10 4.44
CA THR B 23 -2.98 6.80 3.15
C THR B 23 -3.64 6.03 2.00
N THR B 24 -4.02 4.78 2.25
CA THR B 24 -4.69 4.00 1.23
C THR B 24 -6.21 4.19 1.30
N VAL B 25 -6.69 4.87 2.35
CA VAL B 25 -8.12 5.13 2.46
C VAL B 25 -8.49 6.15 1.38
N GLN B 26 -9.56 5.86 0.66
CA GLN B 26 -10.00 6.67 -0.47
C GLN B 26 -11.27 7.44 -0.08
N TRP B 27 -11.37 8.69 -0.52
CA TRP B 27 -12.48 9.56 -0.13
C TRP B 27 -13.21 10.14 -1.33
N SER B 28 -14.53 10.27 -1.22
CA SER B 28 -15.33 10.91 -2.24
C SER B 28 -16.51 11.64 -1.61
N GLY B 29 -17.15 12.50 -2.41
CA GLY B 29 -18.42 13.08 -2.03
C GLY B 29 -18.42 14.59 -1.85
N LEU B 30 -17.25 15.17 -1.59
CA LEU B 30 -17.18 16.61 -1.38
C LEU B 30 -15.88 17.14 -1.94
N LYS B 31 -15.98 17.93 -3.01
CA LYS B 31 -14.78 18.55 -3.56
C LYS B 31 -14.16 19.48 -2.51
N GLY B 32 -12.88 19.25 -2.23
CA GLY B 32 -12.16 20.06 -1.27
C GLY B 32 -12.12 19.52 0.15
N LEU B 33 -12.72 18.34 0.36
CA LEU B 33 -12.64 17.73 1.68
C LEU B 33 -11.20 17.51 2.07
N ASN B 34 -10.83 17.98 3.26
CA ASN B 34 -9.48 17.82 3.79
C ASN B 34 -9.37 16.55 4.62
N THR B 35 -8.68 15.56 4.08
CA THR B 35 -8.51 14.27 4.76
C THR B 35 -7.06 14.06 5.20
N SER B 36 -6.25 15.11 5.09
CA SER B 36 -4.80 15.03 5.28
C SER B 36 -4.37 14.89 6.74
N THR B 37 -5.30 15.05 7.68
CA THR B 37 -4.91 14.97 9.09
C THR B 37 -5.20 13.62 9.75
N LEU B 38 -5.83 12.71 9.01
CA LEU B 38 -6.22 11.44 9.59
C LEU B 38 -5.01 10.52 9.74
N THR B 39 -5.03 9.74 10.82
CA THR B 39 -3.93 8.85 11.17
C THR B 39 -4.49 7.46 11.45
N SER B 40 -3.60 6.53 11.76
CA SER B 40 -4.01 5.17 12.05
CA SER B 40 -4.01 5.16 12.06
C SER B 40 -4.94 5.09 13.26
N ALA B 41 -4.75 5.99 14.21
CA ALA B 41 -5.54 6.02 15.44
C ALA B 41 -7.00 6.40 15.18
N ASP B 42 -7.27 6.90 13.99
CA ASP B 42 -8.60 7.37 13.62
C ASP B 42 -9.50 6.27 13.07
N PHE B 43 -8.94 5.06 12.93
CA PHE B 43 -9.71 3.93 12.43
C PHE B 43 -9.63 2.80 13.44
N THR B 44 -10.69 2.01 13.54
CA THR B 44 -10.72 0.85 14.44
C THR B 44 -11.02 -0.41 13.65
N TRP B 45 -10.30 -1.49 13.97
CA TRP B 45 -10.60 -2.77 13.35
C TRP B 45 -11.93 -3.34 13.81
N ASN B 46 -12.71 -3.89 12.88
CA ASN B 46 -13.99 -4.51 13.24
C ASN B 46 -13.85 -5.99 13.56
N THR B 47 -12.83 -6.28 14.34
CA THR B 47 -12.57 -7.63 14.81
C THR B 47 -13.23 -7.82 16.17
N ALA B 48 -13.34 -9.08 16.59
CA ALA B 48 -14.00 -9.39 17.86
C ALA B 48 -13.39 -8.64 19.04
N ASP B 49 -12.07 -8.50 19.04
CA ASP B 49 -11.37 -7.78 20.09
C ASP B 49 -10.98 -6.34 19.73
N LYS B 50 -11.42 -5.88 18.56
CA LYS B 50 -11.13 -4.53 18.08
C LYS B 50 -9.63 -4.22 17.96
N LYS B 51 -8.83 -5.24 17.65
CA LYS B 51 -7.40 -5.07 17.46
C LYS B 51 -6.97 -5.59 16.08
N ALA B 52 -5.79 -5.16 15.62
CA ALA B 52 -5.27 -5.64 14.36
C ALA B 52 -5.14 -7.16 14.38
N PRO B 53 -5.66 -7.83 13.36
CA PRO B 53 -5.63 -9.29 13.30
C PRO B 53 -4.33 -9.83 12.73
N THR B 54 -4.09 -11.12 12.96
CA THR B 54 -2.89 -11.79 12.47
C THR B 54 -3.24 -12.95 11.53
N ASP B 55 -4.28 -13.70 11.89
CA ASP B 55 -4.66 -14.88 11.14
C ASP B 55 -5.22 -14.52 9.76
N ALA B 56 -5.04 -15.42 8.79
CA ALA B 56 -5.63 -15.24 7.48
C ALA B 56 -7.15 -15.04 7.61
N GLY B 57 -7.68 -14.14 6.80
CA GLY B 57 -9.08 -13.81 6.83
C GLY B 57 -9.37 -12.51 6.11
N LYS B 58 -10.65 -12.17 6.01
CA LYS B 58 -11.09 -10.92 5.41
C LYS B 58 -11.70 -10.07 6.50
N TYR B 59 -11.19 -8.84 6.64
CA TYR B 59 -11.54 -7.97 7.76
C TYR B 59 -11.95 -6.59 7.25
N THR B 60 -12.57 -5.80 8.13
CA THR B 60 -12.82 -4.40 7.80
C THR B 60 -12.37 -3.50 8.92
N LEU B 61 -12.19 -2.22 8.58
CA LEU B 61 -11.99 -1.16 9.57
C LEU B 61 -13.05 -0.10 9.36
N SER B 62 -13.34 0.65 10.42
CA SER B 62 -14.24 1.79 10.35
C SER B 62 -13.58 3.01 10.97
N LEU B 63 -13.92 4.17 10.45
CA LEU B 63 -13.55 5.43 11.05
C LEU B 63 -14.23 5.49 12.42
N ASN B 64 -13.45 5.75 13.47
CA ASN B 64 -14.00 5.76 14.82
C ASN B 64 -14.38 7.17 15.27
N THR B 65 -14.84 7.33 16.51
CA THR B 65 -15.28 8.65 16.96
C THR B 65 -14.15 9.67 16.94
N THR B 66 -12.93 9.22 17.20
CA THR B 66 -11.77 10.11 17.14
C THR B 66 -11.54 10.59 15.71
N GLY B 67 -11.67 9.68 14.76
CA GLY B 67 -11.52 10.03 13.36
C GLY B 67 -12.63 10.90 12.81
N GLU B 68 -13.86 10.65 13.26
CA GLU B 68 -15.00 11.45 12.84
C GLU B 68 -14.83 12.89 13.34
N ALA B 69 -14.40 13.03 14.59
CA ALA B 69 -14.13 14.34 15.14
C ALA B 69 -12.96 15.01 14.42
N ALA B 70 -11.91 14.24 14.12
CA ALA B 70 -10.75 14.82 13.44
C ALA B 70 -11.10 15.31 12.03
N LEU B 71 -11.92 14.54 11.32
CA LEU B 71 -12.33 14.96 9.98
C LEU B 71 -13.12 16.26 10.06
N ARG B 72 -14.05 16.32 11.02
CA ARG B 72 -14.82 17.55 11.18
C ARG B 72 -13.91 18.75 11.53
N LYS B 73 -12.95 18.55 12.42
CA LYS B 73 -12.05 19.65 12.82
C LYS B 73 -11.22 20.17 11.63
N ALA B 74 -10.89 19.28 10.71
CA ALA B 74 -10.08 19.63 9.54
C ALA B 74 -10.86 20.33 8.44
N ASN B 75 -12.17 20.43 8.62
CA ASN B 75 -13.06 21.01 7.61
C ASN B 75 -14.04 22.02 8.21
N PRO B 76 -13.52 23.10 8.82
CA PRO B 76 -14.38 24.02 9.57
C PRO B 76 -15.35 24.84 8.72
N ASN B 77 -15.14 24.90 7.41
CA ASN B 77 -16.09 25.61 6.55
C ASN B 77 -17.38 24.83 6.32
N TYR B 78 -17.40 23.57 6.76
CA TYR B 78 -18.52 22.69 6.55
C TYR B 78 -19.10 22.14 7.84
N ASP B 79 -20.39 21.82 7.76
CA ASP B 79 -21.04 21.00 8.77
C ASP B 79 -21.27 19.66 8.10
N LEU B 80 -20.36 18.72 8.36
CA LEU B 80 -20.47 17.37 7.79
C LEU B 80 -21.50 16.58 8.60
N LYS B 81 -22.70 16.44 8.06
CA LYS B 81 -23.79 15.82 8.82
C LYS B 81 -23.63 14.32 8.92
N THR B 82 -23.12 13.70 7.86
CA THR B 82 -22.84 12.26 7.90
C THR B 82 -21.47 11.96 7.33
N ILE B 83 -20.87 10.89 7.82
CA ILE B 83 -19.60 10.40 7.28
C ILE B 83 -19.79 8.90 7.24
N SER B 84 -19.65 8.30 6.07
CA SER B 84 -19.89 6.86 6.03
C SER B 84 -18.93 6.13 5.12
N GLY B 85 -18.94 4.81 5.19
CA GLY B 85 -18.09 4.02 4.33
C GLY B 85 -17.57 2.82 5.07
N SER B 86 -16.56 2.19 4.46
CA SER B 86 -15.92 1.02 5.05
CA SER B 86 -15.96 0.99 5.01
C SER B 86 -14.59 0.80 4.35
N TYR B 87 -13.74 0.01 4.98
CA TYR B 87 -12.43 -0.27 4.41
C TYR B 87 -12.14 -1.75 4.61
N THR B 88 -11.63 -2.41 3.58
CA THR B 88 -11.43 -3.86 3.65
C THR B 88 -9.95 -4.23 3.67
N TYR B 89 -9.55 -5.09 4.60
CA TYR B 89 -8.17 -5.56 4.66
C TYR B 89 -8.17 -7.07 4.71
N THR B 90 -7.43 -7.70 3.79
CA THR B 90 -7.37 -9.15 3.72
C THR B 90 -5.99 -9.67 4.08
N ILE B 91 -5.95 -10.67 4.97
CA ILE B 91 -4.72 -11.41 5.20
C ILE B 91 -4.84 -12.75 4.46
N ASN B 92 -4.01 -12.93 3.43
CA ASN B 92 -4.05 -14.15 2.63
C ASN B 92 -3.18 -15.22 3.26
N PRO B 93 -3.57 -16.50 3.10
CA PRO B 93 -2.75 -17.57 3.68
C PRO B 93 -1.36 -17.60 3.08
N LEU B 94 -0.41 -18.10 3.86
CA LEU B 94 0.97 -18.19 3.41
C LEU B 94 1.19 -19.48 2.62
N GLY B 95 1.72 -19.34 1.41
CA GLY B 95 2.01 -20.48 0.57
C GLY B 95 3.18 -21.30 1.07
N ILE B 96 2.96 -22.61 1.14
CA ILE B 96 3.98 -23.57 1.53
C ILE B 96 4.13 -24.54 0.37
N ASP B 97 5.30 -24.57 -0.25
CA ASP B 97 5.54 -25.44 -1.40
C ASP B 97 5.35 -26.91 -1.03
N LYS C 2 21.15 -12.70 -7.05
CA LYS C 2 21.55 -11.46 -6.41
C LYS C 2 20.45 -10.94 -5.49
N VAL C 3 20.59 -11.21 -4.21
CA VAL C 3 19.59 -10.83 -3.23
C VAL C 3 19.68 -9.35 -2.91
N THR C 4 18.60 -8.63 -3.17
CA THR C 4 18.60 -7.19 -2.95
C THR C 4 17.31 -6.72 -2.31
N TYR C 5 17.40 -5.61 -1.60
CA TYR C 5 16.23 -5.00 -0.99
C TYR C 5 16.01 -3.59 -1.52
N SER C 6 14.75 -3.18 -1.54
CA SER C 6 14.39 -1.84 -1.99
C SER C 6 13.14 -1.42 -1.28
N GLY C 7 12.58 -0.30 -1.71
CA GLY C 7 11.30 0.14 -1.17
C GLY C 7 11.35 1.58 -0.73
N SER C 8 10.18 2.10 -0.39
CA SER C 8 10.09 3.48 0.08
C SER C 8 8.86 3.70 0.92
N ASP C 9 8.86 4.79 1.67
CA ASP C 9 7.74 5.18 2.52
C ASP C 9 7.82 6.69 2.67
N SER C 10 6.80 7.28 3.25
CA SER C 10 6.78 8.73 3.46
C SER C 10 5.84 9.12 4.57
N LYS C 11 6.02 10.35 5.07
CA LYS C 11 5.10 10.95 6.01
C LYS C 11 5.08 12.44 5.73
N THR C 12 4.05 13.10 6.24
CA THR C 12 4.04 14.56 6.30
C THR C 12 4.71 14.96 7.60
N TYR C 13 5.60 15.95 7.53
CA TYR C 13 6.22 16.53 8.70
C TYR C 13 5.23 16.76 9.85
N ASP C 14 5.61 16.35 11.05
CA ASP C 14 4.77 16.58 12.23
C ASP C 14 5.59 16.92 13.48
N GLY C 15 6.88 17.20 13.27
CA GLY C 15 7.78 17.47 14.37
C GLY C 15 8.24 16.23 15.11
N ASN C 16 7.89 15.04 14.60
CA ASN C 16 8.28 13.80 15.26
C ASN C 16 9.12 12.95 14.32
N PRO C 17 9.99 12.09 14.89
CA PRO C 17 10.87 11.29 14.02
C PRO C 17 10.08 10.30 13.20
N ALA C 18 10.55 10.04 11.99
CA ALA C 18 9.94 9.03 11.13
C ALA C 18 9.99 7.63 11.74
N ASN C 19 8.91 6.87 11.50
CA ASN C 19 8.80 5.49 11.95
C ASN C 19 8.99 4.52 10.78
N PHE C 20 10.18 3.93 10.69
CA PHE C 20 10.46 2.94 9.65
C PHE C 20 9.68 1.64 9.88
N GLU C 21 9.06 1.14 8.80
CA GLU C 21 8.30 -0.10 8.83
C GLU C 21 8.95 -1.18 7.97
N PRO C 22 9.56 -2.18 8.62
CA PRO C 22 10.29 -3.25 7.91
C PRO C 22 9.42 -4.04 6.94
N THR C 23 8.11 -4.11 7.19
CA THR C 23 7.24 -4.90 6.30
C THR C 23 7.11 -4.26 4.92
N THR C 24 7.47 -2.98 4.80
CA THR C 24 7.40 -2.29 3.52
C THR C 24 8.65 -2.49 2.67
N VAL C 25 9.66 -3.17 3.19
CA VAL C 25 10.85 -3.44 2.41
C VAL C 25 10.53 -4.50 1.36
N GLN C 26 10.95 -4.26 0.12
CA GLN C 26 10.73 -5.22 -0.95
C GLN C 26 12.00 -5.98 -1.24
N TRP C 27 11.88 -7.30 -1.31
CA TRP C 27 13.03 -8.17 -1.53
C TRP C 27 12.96 -8.82 -2.91
N SER C 28 14.10 -8.98 -3.57
CA SER C 28 14.14 -9.70 -4.84
C SER C 28 15.43 -10.49 -5.00
N GLY C 29 15.45 -11.40 -5.97
CA GLY C 29 16.65 -12.15 -6.30
C GLY C 29 16.64 -13.63 -5.96
N LEU C 30 15.80 -14.03 -5.00
CA LEU C 30 15.73 -15.42 -4.59
CA LEU C 30 15.74 -15.42 -4.58
C LEU C 30 14.33 -15.81 -4.14
N LYS C 31 13.66 -16.61 -4.97
CA LYS C 31 12.32 -17.08 -4.65
C LYS C 31 12.33 -17.88 -3.35
N GLY C 32 11.44 -17.52 -2.43
CA GLY C 32 11.33 -18.22 -1.17
C GLY C 32 12.26 -17.69 -0.08
N LEU C 33 12.97 -16.60 -0.39
CA LEU C 33 13.82 -15.95 0.62
C LEU C 33 13.01 -15.66 1.88
N ASN C 34 13.53 -16.10 3.02
CA ASN C 34 12.85 -15.92 4.29
C ASN C 34 13.26 -14.62 4.97
N THR C 35 12.36 -13.64 4.95
CA THR C 35 12.62 -12.33 5.54
C THR C 35 11.77 -12.12 6.79
N SER C 36 11.10 -13.18 7.24
CA SER C 36 10.11 -13.08 8.30
C SER C 36 10.69 -12.75 9.68
N THR C 37 12.00 -12.91 9.86
CA THR C 37 12.60 -12.69 11.17
C THR C 37 13.16 -11.28 11.34
N LEU C 38 13.14 -10.49 10.26
CA LEU C 38 13.70 -9.15 10.30
C LEU C 38 12.84 -8.19 11.10
N THR C 39 13.50 -7.27 11.79
CA THR C 39 12.83 -6.29 12.65
C THR C 39 13.30 -4.89 12.28
N SER C 40 12.71 -3.87 12.89
CA SER C 40 13.15 -2.51 12.65
C SER C 40 14.60 -2.28 13.13
N ALA C 41 15.01 -3.03 14.15
CA ALA C 41 16.39 -2.94 14.66
C ALA C 41 17.42 -3.45 13.66
N ASP C 42 16.96 -4.09 12.60
CA ASP C 42 17.86 -4.66 11.59
C ASP C 42 18.25 -3.69 10.49
N PHE C 43 17.74 -2.46 10.56
CA PHE C 43 18.06 -1.44 9.59
C PHE C 43 18.55 -0.20 10.34
N THR C 44 19.44 0.57 9.71
CA THR C 44 19.97 1.76 10.34
C THR C 44 19.77 2.95 9.40
N TRP C 45 19.34 4.08 9.95
CA TRP C 45 19.18 5.30 9.17
C TRP C 45 20.53 5.87 8.76
N ASN C 46 20.62 6.33 7.51
CA ASN C 46 21.86 6.91 7.00
C ASN C 46 21.93 8.42 7.20
N THR C 47 21.51 8.84 8.38
CA THR C 47 21.55 10.25 8.76
C THR C 47 22.84 10.56 9.49
N ALA C 48 23.15 11.85 9.65
CA ALA C 48 24.40 12.28 10.28
C ALA C 48 24.58 11.71 11.70
N ASP C 49 23.49 11.45 12.40
CA ASP C 49 23.55 10.91 13.76
C ASP C 49 23.00 9.48 13.86
N LYS C 50 22.72 8.88 12.70
CA LYS C 50 22.18 7.52 12.63
C LYS C 50 20.89 7.32 13.44
N LYS C 51 20.13 8.40 13.57
CA LYS C 51 18.82 8.37 14.22
C LYS C 51 17.74 8.71 13.20
N ALA C 52 16.51 8.31 13.49
CA ALA C 52 15.36 8.63 12.64
C ALA C 52 15.24 10.15 12.51
N PRO C 53 15.08 10.65 11.27
CA PRO C 53 15.01 12.10 11.05
C PRO C 53 13.62 12.68 11.30
N THR C 54 13.57 13.99 11.46
CA THR C 54 12.31 14.71 11.72
C THR C 54 12.03 15.75 10.64
N ASP C 55 13.08 16.45 10.19
CA ASP C 55 12.92 17.54 9.22
C ASP C 55 12.48 17.02 7.86
N ALA C 56 11.75 17.84 7.13
CA ALA C 56 11.37 17.51 5.76
C ALA C 56 12.63 17.24 4.97
N GLY C 57 12.62 16.21 4.15
CA GLY C 57 13.78 15.86 3.36
C GLY C 57 13.66 14.46 2.81
N LYS C 58 14.71 14.01 2.12
CA LYS C 58 14.77 12.67 1.57
C LYS C 58 15.93 11.92 2.20
N TYR C 59 15.64 10.72 2.71
CA TYR C 59 16.58 9.98 3.51
C TYR C 59 16.64 8.53 3.05
N THR C 60 17.67 7.80 3.50
CA THR C 60 17.73 6.38 3.25
C THR C 60 18.04 5.59 4.53
N LEU C 61 17.73 4.29 4.48
CA LEU C 61 18.18 3.33 5.48
C LEU C 61 18.90 2.21 4.77
N SER C 62 19.75 1.52 5.52
CA SER C 62 20.47 0.35 5.02
C SER C 62 20.31 -0.80 6.00
N LEU C 63 20.32 -2.02 5.49
CA LEU C 63 20.40 -3.20 6.33
C LEU C 63 21.72 -3.15 7.09
N ASN C 64 21.68 -3.42 8.38
CA ASN C 64 22.90 -3.34 9.20
C ASN C 64 23.47 -4.74 9.50
N THR C 65 24.55 -4.80 10.28
CA THR C 65 25.21 -6.08 10.53
C THR C 65 24.29 -7.09 11.23
N THR C 66 23.43 -6.61 12.11
CA THR C 66 22.46 -7.46 12.79
C THR C 66 21.47 -8.04 11.78
N GLY C 67 21.00 -7.19 10.87
CA GLY C 67 20.06 -7.62 9.86
C GLY C 67 20.66 -8.58 8.85
N GLU C 68 21.91 -8.32 8.46
CA GLU C 68 22.61 -9.19 7.53
C GLU C 68 22.78 -10.59 8.15
N ALA C 69 23.16 -10.63 9.43
CA ALA C 69 23.30 -11.91 10.12
C ALA C 69 21.95 -12.61 10.26
N ALA C 70 20.91 -11.85 10.60
CA ALA C 70 19.58 -12.39 10.76
C ALA C 70 19.07 -13.03 9.46
N LEU C 71 19.26 -12.32 8.34
CA LEU C 71 18.81 -12.84 7.06
C LEU C 71 19.55 -14.13 6.72
N ARG C 72 20.86 -14.14 6.93
CA ARG C 72 21.61 -15.36 6.64
C ARG C 72 21.16 -16.51 7.54
N LYS C 73 20.85 -16.21 8.80
CA LYS C 73 20.45 -17.28 9.74
C LYS C 73 19.13 -17.90 9.32
N ALA C 74 18.28 -17.10 8.69
CA ALA C 74 16.94 -17.53 8.33
C ALA C 74 16.91 -18.29 7.01
N ASN C 75 18.06 -18.34 6.34
CA ASN C 75 18.15 -19.00 5.03
C ASN C 75 19.31 -19.98 4.91
N PRO C 76 19.31 -21.03 5.75
CA PRO C 76 20.46 -21.94 5.86
C PRO C 76 20.74 -22.79 4.62
N ASN C 77 19.77 -22.93 3.71
CA ASN C 77 20.03 -23.67 2.48
C ASN C 77 20.94 -22.92 1.51
N TYR C 78 21.20 -21.65 1.79
CA TYR C 78 21.96 -20.82 0.88
C TYR C 78 23.17 -20.19 1.54
N ASP C 79 24.16 -19.91 0.72
CA ASP C 79 25.27 -19.05 1.12
C ASP C 79 25.06 -17.75 0.38
N LEU C 80 24.46 -16.78 1.08
CA LEU C 80 24.20 -15.47 0.49
C LEU C 80 25.49 -14.67 0.51
N LYS C 81 26.19 -14.63 -0.61
CA LYS C 81 27.53 -14.05 -0.64
C LYS C 81 27.47 -12.53 -0.52
N THR C 82 26.45 -11.93 -1.13
CA THR C 82 26.22 -10.50 -0.97
C THR C 82 24.75 -10.24 -0.64
N ILE C 83 24.51 -9.18 0.12
CA ILE C 83 23.16 -8.69 0.38
C ILE C 83 23.28 -7.18 0.20
N SER C 84 22.46 -6.61 -0.67
CA SER C 84 22.64 -5.19 -0.97
C SER C 84 21.34 -4.50 -1.34
N GLY C 85 21.35 -3.16 -1.33
CA GLY C 85 20.16 -2.42 -1.65
C GLY C 85 20.09 -1.08 -0.97
N SER C 86 18.91 -0.48 -1.00
CA SER C 86 18.67 0.79 -0.36
CA SER C 86 18.67 0.80 -0.37
C SER C 86 17.18 0.98 -0.17
N TYR C 87 16.82 1.78 0.83
CA TYR C 87 15.43 2.02 1.13
C TYR C 87 15.30 3.52 1.34
N THR C 88 14.30 4.13 0.72
CA THR C 88 14.16 5.59 0.76
C THR C 88 12.96 6.02 1.59
N TYR C 89 13.15 7.02 2.46
CA TYR C 89 12.05 7.55 3.25
C TYR C 89 12.01 9.05 3.05
N THR C 90 10.85 9.57 2.64
CA THR C 90 10.70 11.00 2.42
C THR C 90 9.79 11.62 3.47
N ILE C 91 10.24 12.70 4.09
CA ILE C 91 9.37 13.52 4.93
C ILE C 91 8.95 14.76 4.14
N ASN C 92 7.66 14.88 3.87
CA ASN C 92 7.12 16.01 3.10
C ASN C 92 6.78 17.19 4.00
N PRO C 93 6.96 18.42 3.49
CA PRO C 93 6.59 19.60 4.26
C PRO C 93 5.10 19.60 4.62
N LEU C 94 4.79 20.17 5.77
CA LEU C 94 3.41 20.23 6.24
C LEU C 94 2.70 21.44 5.68
N GLY C 95 1.55 21.22 5.05
CA GLY C 95 0.78 22.32 4.52
C GLY C 95 0.17 23.14 5.63
N ILE C 96 0.36 24.46 5.57
CA ILE C 96 -0.25 25.39 6.50
C ILE C 96 -1.20 26.28 5.72
N ASP C 97 -2.50 26.18 6.02
CA ASP C 97 -3.53 26.89 5.25
C ASP C 97 -3.73 28.31 5.74
#